data_2DD8
#
_entry.id   2DD8
#
_cell.length_a   64.693
_cell.length_b   68.611
_cell.length_c   80.085
_cell.angle_alpha   90.00
_cell.angle_beta   98.08
_cell.angle_gamma   90.00
#
_symmetry.space_group_name_H-M   'P 1 21 1'
#
loop_
_entity.id
_entity.type
_entity.pdbx_description
1 polymer 'IGG Heavy Chain'
2 polymer 'IGG Light Chain'
3 polymer 'Spike glycoprotein'
4 non-polymer 'PHOSPHATE ION'
5 non-polymer 2-acetamido-2-deoxy-beta-D-glucopyranose
6 water water
#
loop_
_entity_poly.entity_id
_entity_poly.type
_entity_poly.pdbx_seq_one_letter_code
_entity_poly.pdbx_strand_id
1 'polypeptide(L)'
;QVQLQQSGAEVKKPGSSVKVSCKASGGTFSSYTISWVRQAPGQGLEWMGGITPILGIANYAQKFQGRVTITTDESTSTAY
MELSSLRSEDTAVYYCARDTVMGGMDVWGQGTTVTVSSASTKGPSVFPLAPSSKSTSGGTSALGCLVKDYFPEPVTVSWN
SGALTSGVHTFPAVLQSSGLYSLSSVVTVPSSSLGTQTYICNVNHKPSNTKVDKKVEPKSCDKTSPLFVHHHHHHGDYKD
DDDKG
;
H
2 'polypeptide(L)'
;SYELTQPPSVSVAPGKTARITCGGNNIGSKSVHWYQQKPGQAPVLVVYDDSDRPSGIPERFSGSNSGNTATLTISRVEAG
DEADYYCQVWDSSSDYVFGTGTKVTVLGQPKANPTVTLFPPSSEEFQANKATLVCLISDFYPGAVTVAWKADGSPVKAGV
ETTKPSKQSNNKYAASSYLSLTPEQWKSHRSYSCQVTHEGSTVEKTVAPTECS
;
L
3 'polypeptide(L)'
;PNITNLCPFGEVFNATKFPSVYAWERKKISNCVADYSVLYNSTFFSTFKCYGVSATKLNDLCFSNVYADSFVVKGDDVRQ
IAPGQTGVIADYNYKLPDDFMGCVLAWNTRNIDATSTGNYNYKYRYLRHGKLRPFERDISNVPFSPDGKPCTPPALNCYW
PLNDYGFYTTTGIGYQPYRVVVLSFELLNAPATVCGPKLSTD
;
S
#
# COMPACT_ATOMS: atom_id res chain seq x y z
N VAL A 2 -15.00 9.24 4.91
CA VAL A 2 -13.71 9.68 5.50
C VAL A 2 -12.77 10.27 4.44
N GLN A 3 -12.25 9.43 3.54
CA GLN A 3 -11.36 9.89 2.47
C GLN A 3 -10.00 10.49 2.87
N LEU A 4 -8.99 10.23 2.04
CA LEU A 4 -7.64 10.73 2.29
C LEU A 4 -7.08 11.47 1.10
N GLN A 5 -6.54 12.64 1.36
CA GLN A 5 -5.95 13.48 0.33
C GLN A 5 -4.43 13.47 0.51
N GLN A 6 -3.71 13.15 -0.56
CA GLN A 6 -2.27 13.11 -0.51
C GLN A 6 -1.65 14.25 -1.30
N SER A 7 -0.38 14.51 -1.06
CA SER A 7 0.31 15.58 -1.77
C SER A 7 0.73 15.15 -3.17
N GLY A 8 0.93 16.13 -4.04
CA GLY A 8 1.30 15.87 -5.42
C GLY A 8 2.57 15.06 -5.67
N ALA A 9 2.73 14.60 -6.91
CA ALA A 9 3.88 13.81 -7.32
C ALA A 9 5.19 14.57 -7.16
N GLU A 10 6.25 13.85 -6.85
CA GLU A 10 7.55 14.47 -6.66
C GLU A 10 8.65 13.77 -7.45
N VAL A 11 9.75 14.49 -7.67
CA VAL A 11 10.93 13.95 -8.34
C VAL A 11 12.12 14.38 -7.48
N LYS A 12 13.04 13.44 -7.22
CA LYS A 12 14.21 13.73 -6.39
C LYS A 12 15.51 13.09 -6.86
N LYS A 13 16.62 13.77 -6.58
CA LYS A 13 17.94 13.29 -6.96
C LYS A 13 18.35 12.23 -5.94
N PRO A 14 19.08 11.21 -6.39
CA PRO A 14 19.49 10.19 -5.42
C PRO A 14 20.22 10.81 -4.24
N GLY A 15 20.04 10.22 -3.06
CA GLY A 15 20.71 10.73 -1.88
C GLY A 15 19.94 11.81 -1.15
N SER A 16 19.02 12.49 -1.82
CA SER A 16 18.26 13.51 -1.14
C SER A 16 17.13 12.86 -0.35
N SER A 17 16.15 13.67 0.04
CA SER A 17 15.02 13.16 0.80
C SER A 17 13.72 13.74 0.28
N VAL A 18 12.60 13.12 0.68
CA VAL A 18 11.28 13.55 0.25
C VAL A 18 10.32 13.47 1.43
N LYS A 19 9.27 14.26 1.38
CA LYS A 19 8.29 14.28 2.46
C LYS A 19 6.88 14.44 1.89
N VAL A 20 6.09 13.38 2.01
CA VAL A 20 4.74 13.35 1.52
C VAL A 20 3.73 13.65 2.63
N SER A 21 2.61 14.25 2.27
CA SER A 21 1.58 14.57 3.24
C SER A 21 0.27 13.84 2.94
N CYS A 22 -0.51 13.63 4.01
CA CYS A 22 -1.78 12.93 3.94
C CYS A 22 -2.74 13.69 4.85
N LYS A 23 -3.85 14.16 4.29
CA LYS A 23 -4.82 14.93 5.06
C LYS A 23 -6.19 14.26 5.08
N ALA A 24 -6.75 14.11 6.26
CA ALA A 24 -8.06 13.49 6.39
C ALA A 24 -9.09 14.44 5.77
N SER A 25 -10.03 13.88 5.03
CA SER A 25 -11.06 14.70 4.40
C SER A 25 -11.97 15.31 5.45
N GLY A 26 -11.86 14.83 6.69
CA GLY A 26 -12.68 15.35 7.77
C GLY A 26 -12.02 16.52 8.48
N GLY A 27 -10.70 16.59 8.44
CA GLY A 27 -9.99 17.67 9.10
C GLY A 27 -9.09 17.15 10.20
N THR A 28 -9.40 15.97 10.72
CA THR A 28 -8.61 15.35 11.78
C THR A 28 -8.62 13.84 11.62
N PHE A 29 -7.64 13.18 12.25
CA PHE A 29 -7.54 11.74 12.18
C PHE A 29 -8.25 11.09 13.35
N SER A 30 -8.88 11.92 14.18
CA SER A 30 -9.60 11.43 15.36
C SER A 30 -8.73 10.52 16.21
N SER A 31 -9.26 9.33 16.50
CA SER A 31 -8.55 8.36 17.31
C SER A 31 -8.11 7.12 16.56
N TYR A 32 -7.88 7.24 15.26
CA TYR A 32 -7.43 6.08 14.51
C TYR A 32 -5.97 6.21 14.08
N THR A 33 -5.46 5.19 13.41
CA THR A 33 -4.07 5.16 13.00
C THR A 33 -3.86 5.20 11.50
N ILE A 34 -2.91 6.01 11.06
CA ILE A 34 -2.58 6.14 9.66
C ILE A 34 -1.34 5.32 9.37
N SER A 35 -1.35 4.61 8.24
CA SER A 35 -0.22 3.78 7.83
C SER A 35 0.35 4.28 6.50
N TRP A 36 1.59 3.90 6.21
CA TRP A 36 2.23 4.29 4.95
C TRP A 36 2.68 3.05 4.21
N VAL A 37 2.16 2.91 3.00
CA VAL A 37 2.47 1.75 2.16
C VAL A 37 3.01 2.18 0.80
N ARG A 38 4.05 1.51 0.32
CA ARG A 38 4.61 1.86 -0.97
C ARG A 38 4.64 0.69 -1.94
N GLN A 39 4.62 1.02 -3.22
CA GLN A 39 4.65 0.02 -4.28
C GLN A 39 5.47 0.47 -5.46
N ALA A 40 6.61 -0.18 -5.67
CA ALA A 40 7.47 0.13 -6.81
C ALA A 40 6.77 -0.42 -8.06
N PRO A 41 7.08 0.13 -9.24
CA PRO A 41 6.47 -0.31 -10.50
C PRO A 41 6.42 -1.83 -10.73
N GLY A 42 5.23 -2.34 -11.04
CA GLY A 42 5.07 -3.77 -11.28
C GLY A 42 5.48 -4.64 -10.11
N GLN A 43 5.56 -4.05 -8.93
CA GLN A 43 5.95 -4.77 -7.73
C GLN A 43 4.76 -4.96 -6.81
N GLY A 44 5.02 -5.51 -5.62
CA GLY A 44 3.96 -5.72 -4.66
C GLY A 44 3.87 -4.57 -3.68
N LEU A 45 3.08 -4.76 -2.63
CA LEU A 45 2.87 -3.74 -1.60
C LEU A 45 3.84 -3.96 -0.46
N GLU A 46 4.21 -2.88 0.23
CA GLU A 46 5.15 -2.98 1.34
C GLU A 46 4.93 -1.93 2.41
N TRP A 47 4.68 -2.38 3.64
CA TRP A 47 4.45 -1.49 4.76
C TRP A 47 5.73 -0.78 5.18
N MET A 48 5.65 0.53 5.30
CA MET A 48 6.82 1.32 5.69
C MET A 48 6.76 1.71 7.15
N GLY A 49 5.57 2.04 7.61
CA GLY A 49 5.40 2.44 8.98
C GLY A 49 4.08 3.15 9.18
N GLY A 50 3.84 3.62 10.40
CA GLY A 50 2.61 4.31 10.69
C GLY A 50 2.71 5.19 11.92
N ILE A 51 1.60 5.85 12.25
CA ILE A 51 1.56 6.73 13.40
C ILE A 51 0.13 6.91 13.89
N THR A 52 -0.03 7.07 15.20
CA THR A 52 -1.35 7.32 15.76
C THR A 52 -1.30 8.79 16.22
N PRO A 53 -1.78 9.70 15.37
CA PRO A 53 -1.79 11.14 15.67
C PRO A 53 -2.12 11.47 17.12
N ILE A 54 -3.27 11.01 17.59
CA ILE A 54 -3.72 11.27 18.95
C ILE A 54 -2.65 10.92 19.99
N LEU A 55 -1.89 9.88 19.74
CA LEU A 55 -0.84 9.47 20.67
C LEU A 55 0.50 10.12 20.38
N GLY A 56 0.63 10.67 19.17
CA GLY A 56 1.88 11.31 18.80
C GLY A 56 3.05 10.35 18.70
N ILE A 57 2.77 9.05 18.67
CA ILE A 57 3.83 8.06 18.56
C ILE A 57 3.75 7.31 17.22
N ALA A 58 4.91 7.17 16.57
CA ALA A 58 5.01 6.49 15.28
C ALA A 58 5.71 5.13 15.40
N ASN A 59 5.74 4.40 14.30
CA ASN A 59 6.37 3.08 14.25
C ASN A 59 6.90 2.82 12.86
N TYR A 60 8.03 2.12 12.76
CA TYR A 60 8.61 1.84 11.46
C TYR A 60 8.96 0.38 11.24
N ALA A 61 9.05 0.01 9.97
CA ALA A 61 9.41 -1.33 9.55
C ALA A 61 10.93 -1.49 9.69
N GLN A 62 11.37 -2.73 9.93
CA GLN A 62 12.79 -3.02 10.09
C GLN A 62 13.61 -2.41 8.96
N LYS A 63 13.19 -2.71 7.73
CA LYS A 63 13.84 -2.24 6.51
C LYS A 63 14.06 -0.73 6.42
N PHE A 64 13.10 0.06 6.88
CA PHE A 64 13.24 1.51 6.79
C PHE A 64 13.58 2.16 8.11
N GLN A 65 14.01 1.35 9.07
CA GLN A 65 14.38 1.87 10.38
C GLN A 65 15.60 2.76 10.13
N GLY A 66 15.53 4.02 10.53
CA GLY A 66 16.64 4.92 10.33
C GLY A 66 16.47 5.88 9.17
N ARG A 67 15.81 5.44 8.10
CA ARG A 67 15.61 6.31 6.93
C ARG A 67 14.24 7.00 6.90
N VAL A 68 13.29 6.51 7.68
CA VAL A 68 11.94 7.09 7.66
C VAL A 68 11.53 7.78 8.94
N THR A 69 10.78 8.86 8.77
CA THR A 69 10.28 9.64 9.88
C THR A 69 8.84 10.03 9.61
N ILE A 70 7.94 9.46 10.41
CA ILE A 70 6.52 9.73 10.27
C ILE A 70 6.11 10.72 11.36
N THR A 71 5.43 11.79 10.97
CA THR A 71 5.03 12.81 11.93
C THR A 71 3.69 13.45 11.62
N THR A 72 3.25 14.32 12.51
CA THR A 72 1.99 15.03 12.35
C THR A 72 2.24 16.50 12.62
N ASP A 73 1.35 17.35 12.11
CA ASP A 73 1.49 18.78 12.34
C ASP A 73 0.89 19.04 13.70
N GLU A 74 1.19 20.20 14.28
CA GLU A 74 0.68 20.55 15.60
C GLU A 74 -0.82 20.35 15.73
N SER A 75 -1.60 20.84 14.78
CA SER A 75 -3.04 20.69 14.84
C SER A 75 -3.43 19.22 14.84
N THR A 76 -2.49 18.37 14.42
CA THR A 76 -2.72 16.92 14.36
C THR A 76 -3.71 16.56 13.24
N SER A 77 -3.82 17.41 12.23
CA SER A 77 -4.73 17.20 11.10
C SER A 77 -4.04 16.69 9.84
N THR A 78 -2.71 16.69 9.85
CA THR A 78 -1.94 16.23 8.69
C THR A 78 -0.77 15.35 9.08
N ALA A 79 -0.66 14.20 8.42
CA ALA A 79 0.45 13.28 8.69
C ALA A 79 1.48 13.40 7.58
N TYR A 80 2.76 13.25 7.93
CA TYR A 80 3.82 13.35 6.95
C TYR A 80 4.72 12.13 6.99
N MET A 81 5.30 11.81 5.83
CA MET A 81 6.20 10.68 5.71
C MET A 81 7.43 11.21 4.99
N GLU A 82 8.54 11.23 5.69
CA GLU A 82 9.80 11.72 5.15
C GLU A 82 10.80 10.58 5.04
N LEU A 83 11.24 10.30 3.81
CA LEU A 83 12.20 9.25 3.55
C LEU A 83 13.51 9.91 3.18
N SER A 84 14.61 9.43 3.74
CA SER A 84 15.93 10.00 3.47
C SER A 84 16.86 9.07 2.67
N SER A 85 17.98 9.64 2.24
CA SER A 85 18.98 8.90 1.47
C SER A 85 18.36 8.20 0.27
N LEU A 86 17.46 8.90 -0.42
CA LEU A 86 16.78 8.35 -1.57
C LEU A 86 17.67 7.61 -2.55
N ARG A 87 17.10 6.58 -3.16
CA ARG A 87 17.78 5.77 -4.16
C ARG A 87 16.75 5.39 -5.22
N SER A 88 17.23 4.99 -6.40
CA SER A 88 16.33 4.61 -7.48
C SER A 88 15.38 3.51 -7.05
N GLU A 89 15.88 2.59 -6.24
CA GLU A 89 15.07 1.49 -5.75
C GLU A 89 13.92 2.01 -4.91
N ASP A 90 13.96 3.29 -4.56
CA ASP A 90 12.90 3.91 -3.77
C ASP A 90 11.85 4.58 -4.65
N THR A 91 12.06 4.54 -5.97
CA THR A 91 11.10 5.12 -6.89
C THR A 91 9.84 4.28 -6.79
N ALA A 92 8.74 4.89 -6.39
CA ALA A 92 7.50 4.16 -6.23
C ALA A 92 6.31 5.05 -5.90
N VAL A 93 5.16 4.40 -5.76
CA VAL A 93 3.93 5.09 -5.42
C VAL A 93 3.74 4.92 -3.91
N TYR A 94 3.53 6.04 -3.22
CA TYR A 94 3.37 6.02 -1.78
C TYR A 94 1.93 6.28 -1.37
N TYR A 95 1.38 5.37 -0.58
CA TYR A 95 0.01 5.52 -0.13
C TYR A 95 -0.08 5.65 1.39
N CYS A 96 -1.04 6.44 1.85
CA CYS A 96 -1.28 6.51 3.28
C CYS A 96 -2.63 5.82 3.41
N ALA A 97 -2.86 5.15 4.53
CA ALA A 97 -4.12 4.42 4.69
C ALA A 97 -4.50 4.28 6.15
N ARG A 98 -5.80 4.30 6.40
CA ARG A 98 -6.31 4.17 7.76
C ARG A 98 -6.24 2.72 8.18
N ASP A 99 -5.72 2.49 9.39
CA ASP A 99 -5.59 1.13 9.91
C ASP A 99 -6.91 0.57 10.40
N THR A 100 -7.14 -0.68 10.06
CA THR A 100 -8.35 -1.36 10.48
C THR A 100 -8.12 -1.66 11.95
N VAL A 101 -9.15 -2.06 12.67
CA VAL A 101 -8.96 -2.36 14.09
C VAL A 101 -8.37 -3.76 14.24
N MET A 102 -8.51 -4.58 13.21
CA MET A 102 -8.00 -5.96 13.25
C MET A 102 -6.67 -6.23 12.56
N GLY A 103 -5.84 -5.20 12.38
CA GLY A 103 -4.55 -5.42 11.77
C GLY A 103 -4.52 -5.36 10.26
N GLY A 104 -5.28 -4.43 9.69
CA GLY A 104 -5.32 -4.27 8.25
C GLY A 104 -5.47 -2.81 7.90
N MET A 105 -5.71 -2.52 6.63
CA MET A 105 -5.91 -1.16 6.18
C MET A 105 -7.33 -1.05 5.66
N ASP A 106 -7.93 0.08 5.95
CA ASP A 106 -9.32 0.38 5.60
C ASP A 106 -9.47 1.32 4.42
N VAL A 107 -9.22 2.60 4.69
CA VAL A 107 -9.31 3.66 3.71
C VAL A 107 -7.94 3.98 3.13
N TRP A 108 -7.85 4.04 1.81
CA TRP A 108 -6.58 4.34 1.15
C TRP A 108 -6.60 5.69 0.45
N GLY A 109 -5.46 6.37 0.46
CA GLY A 109 -5.37 7.66 -0.23
C GLY A 109 -5.11 7.38 -1.71
N GLN A 110 -5.30 8.38 -2.56
CA GLN A 110 -5.09 8.19 -4.01
C GLN A 110 -3.66 7.79 -4.35
N GLY A 111 -2.73 8.04 -3.43
CA GLY A 111 -1.34 7.69 -3.69
C GLY A 111 -0.52 8.85 -4.22
N THR A 112 0.77 8.86 -3.87
CA THR A 112 1.67 9.91 -4.32
C THR A 112 2.85 9.30 -5.06
N THR A 113 2.95 9.59 -6.35
CA THR A 113 4.02 9.07 -7.17
C THR A 113 5.32 9.84 -6.91
N VAL A 114 6.35 9.09 -6.55
CA VAL A 114 7.66 9.66 -6.27
C VAL A 114 8.74 8.98 -7.12
N THR A 115 9.41 9.78 -7.94
CA THR A 115 10.46 9.26 -8.82
C THR A 115 11.85 9.73 -8.37
N VAL A 116 12.77 8.79 -8.21
CA VAL A 116 14.13 9.10 -7.81
C VAL A 116 15.10 8.86 -8.98
N SER A 117 15.69 9.92 -9.51
CA SER A 117 16.62 9.78 -10.62
C SER A 117 17.49 11.02 -10.78
N SER A 118 18.65 10.86 -11.41
CA SER A 118 19.57 11.96 -11.63
C SER A 118 19.09 12.79 -12.80
N ALA A 119 18.31 12.17 -13.68
CA ALA A 119 17.81 12.85 -14.85
C ALA A 119 17.02 14.09 -14.49
N SER A 120 17.21 15.13 -15.29
CA SER A 120 16.54 16.42 -15.10
C SER A 120 15.05 16.29 -15.41
N THR A 121 14.23 17.03 -14.66
CA THR A 121 12.80 16.98 -14.90
C THR A 121 12.49 17.97 -16.01
N LYS A 122 11.55 17.62 -16.87
CA LYS A 122 11.20 18.50 -17.96
C LYS A 122 9.69 18.66 -18.09
N GLY A 123 9.26 19.90 -18.22
CA GLY A 123 7.85 20.17 -18.39
C GLY A 123 7.42 19.69 -19.77
N PRO A 124 6.11 19.57 -19.98
CA PRO A 124 5.63 19.11 -21.27
C PRO A 124 5.34 20.20 -22.28
N SER A 125 5.29 19.81 -23.55
CA SER A 125 4.92 20.72 -24.62
C SER A 125 3.53 20.24 -25.03
N VAL A 126 2.55 21.13 -25.03
CA VAL A 126 1.20 20.74 -25.38
C VAL A 126 0.74 21.22 -26.76
N PHE A 127 0.22 20.29 -27.56
CA PHE A 127 -0.23 20.62 -28.90
C PHE A 127 -1.66 20.18 -29.14
N PRO A 128 -2.40 20.95 -29.95
CA PRO A 128 -3.78 20.59 -30.22
C PRO A 128 -3.94 19.56 -31.33
N LEU A 129 -4.85 18.62 -31.11
CA LEU A 129 -5.19 17.58 -32.07
C LEU A 129 -6.55 18.02 -32.59
N ALA A 130 -6.52 18.85 -33.62
CA ALA A 130 -7.73 19.41 -34.20
C ALA A 130 -8.70 18.39 -34.74
N PRO A 131 -10.00 18.64 -34.55
CA PRO A 131 -11.01 17.72 -35.04
C PRO A 131 -11.00 17.80 -36.56
N SER A 132 -11.12 16.65 -37.20
CA SER A 132 -11.13 16.62 -38.67
C SER A 132 -12.32 17.38 -39.22
N SER A 133 -12.03 18.24 -40.20
CA SER A 133 -13.07 19.03 -40.86
C SER A 133 -13.79 18.11 -41.83
N LYS A 134 -13.50 16.81 -41.72
CA LYS A 134 -14.11 15.78 -42.55
C LYS A 134 -15.51 15.53 -42.01
N SER A 135 -15.71 15.93 -40.75
CA SER A 135 -17.00 15.77 -40.07
C SER A 135 -17.53 17.13 -39.61
N THR A 136 -18.43 17.70 -40.42
CA THR A 136 -19.04 19.00 -40.13
C THR A 136 -20.38 18.84 -39.41
N SER A 137 -21.41 18.42 -40.16
CA SER A 137 -22.75 18.25 -39.62
C SER A 137 -23.17 16.79 -39.56
N GLY A 138 -23.22 16.23 -38.34
CA GLY A 138 -23.62 14.84 -38.19
C GLY A 138 -22.59 13.93 -37.56
N GLY A 139 -23.04 12.85 -36.95
CA GLY A 139 -22.13 11.91 -36.31
C GLY A 139 -21.37 12.55 -35.17
N THR A 140 -20.26 11.93 -34.78
CA THR A 140 -19.46 12.47 -33.71
C THR A 140 -18.12 12.95 -34.25
N SER A 141 -17.32 13.54 -33.36
CA SER A 141 -16.02 14.05 -33.74
C SER A 141 -14.98 13.84 -32.64
N ALA A 142 -13.74 13.60 -33.06
CA ALA A 142 -12.66 13.41 -32.11
C ALA A 142 -11.59 14.51 -32.21
N LEU A 143 -11.26 15.08 -31.06
CA LEU A 143 -10.22 16.12 -30.99
C LEU A 143 -9.43 15.86 -29.72
N GLY A 144 -8.24 16.45 -29.62
CA GLY A 144 -7.46 16.18 -28.42
C GLY A 144 -6.25 17.04 -28.15
N CYS A 145 -5.35 16.49 -27.35
CA CYS A 145 -4.13 17.16 -26.94
C CYS A 145 -2.94 16.23 -26.94
N LEU A 146 -1.83 16.71 -27.49
CA LEU A 146 -0.59 15.95 -27.53
C LEU A 146 0.27 16.51 -26.40
N VAL A 147 0.63 15.65 -25.45
CA VAL A 147 1.47 16.06 -24.33
C VAL A 147 2.84 15.47 -24.62
N LYS A 148 3.67 16.29 -25.26
CA LYS A 148 4.98 15.83 -25.70
C LYS A 148 6.21 16.14 -24.86
N ASP A 149 7.10 15.17 -24.83
CA ASP A 149 8.40 15.25 -24.17
C ASP A 149 8.45 15.80 -22.76
N TYR A 150 8.03 14.99 -21.79
CA TYR A 150 8.07 15.41 -20.40
C TYR A 150 8.71 14.31 -19.59
N PHE A 151 9.17 14.70 -18.39
CA PHE A 151 9.77 13.78 -17.45
C PHE A 151 9.77 14.43 -16.07
N PRO A 152 9.42 13.65 -15.04
CA PRO A 152 9.03 12.24 -15.14
C PRO A 152 7.52 12.12 -15.12
N GLU A 153 7.05 10.89 -14.98
CA GLU A 153 5.62 10.65 -14.87
C GLU A 153 5.25 11.27 -13.52
N PRO A 154 3.97 11.61 -13.31
CA PRO A 154 2.89 11.44 -14.25
C PRO A 154 2.25 12.77 -14.61
N VAL A 155 1.30 12.74 -15.53
CA VAL A 155 0.60 13.95 -15.91
C VAL A 155 -0.88 13.59 -15.96
N THR A 156 -1.74 14.47 -15.48
CA THR A 156 -3.16 14.19 -15.54
C THR A 156 -3.77 15.16 -16.52
N VAL A 157 -4.85 14.73 -17.16
CA VAL A 157 -5.54 15.56 -18.12
C VAL A 157 -7.03 15.54 -17.86
N SER A 158 -7.63 16.72 -17.89
CA SER A 158 -9.08 16.86 -17.72
C SER A 158 -9.50 17.77 -18.88
N TRP A 159 -10.81 17.91 -19.09
CA TRP A 159 -11.28 18.78 -20.17
C TRP A 159 -12.30 19.80 -19.68
N ASN A 160 -12.19 21.02 -20.18
CA ASN A 160 -13.09 22.11 -19.78
C ASN A 160 -13.20 22.13 -18.26
N SER A 161 -12.07 21.92 -17.61
CA SER A 161 -11.97 21.92 -16.16
C SER A 161 -12.87 20.91 -15.47
N GLY A 162 -12.91 19.70 -16.00
CA GLY A 162 -13.71 18.64 -15.41
C GLY A 162 -15.18 18.63 -15.75
N ALA A 163 -15.68 19.73 -16.31
CA ALA A 163 -17.09 19.84 -16.68
C ALA A 163 -17.42 18.94 -17.86
N LEU A 164 -16.41 18.54 -18.61
CA LEU A 164 -16.60 17.66 -19.75
C LEU A 164 -15.93 16.35 -19.39
N THR A 165 -16.74 15.31 -19.20
CA THR A 165 -16.22 14.02 -18.80
C THR A 165 -16.66 12.85 -19.68
N SER A 166 -17.76 13.04 -20.41
CA SER A 166 -18.27 11.99 -21.27
C SER A 166 -17.51 11.93 -22.61
N GLY A 167 -17.01 10.75 -22.94
CA GLY A 167 -16.30 10.58 -24.21
C GLY A 167 -14.84 10.96 -24.15
N VAL A 168 -14.34 11.11 -22.93
CA VAL A 168 -12.95 11.46 -22.70
C VAL A 168 -12.12 10.21 -22.62
N HIS A 169 -10.91 10.26 -23.14
CA HIS A 169 -10.04 9.11 -23.06
C HIS A 169 -8.57 9.52 -23.07
N THR A 170 -7.90 9.26 -21.97
CA THR A 170 -6.48 9.58 -21.87
C THR A 170 -5.69 8.28 -21.95
N PHE A 171 -4.80 8.20 -22.93
CA PHE A 171 -3.98 7.03 -23.17
C PHE A 171 -2.70 7.02 -22.33
N PRO A 172 -2.26 5.84 -21.91
CA PRO A 172 -1.02 5.77 -21.12
C PRO A 172 0.15 6.35 -21.92
N ALA A 173 1.06 7.00 -21.23
CA ALA A 173 2.20 7.59 -21.91
C ALA A 173 3.09 6.53 -22.52
N VAL A 174 3.82 6.93 -23.55
CA VAL A 174 4.77 6.07 -24.21
C VAL A 174 6.12 6.60 -23.74
N LEU A 175 7.03 5.72 -23.33
CA LEU A 175 8.35 6.15 -22.91
C LEU A 175 9.26 6.02 -24.12
N GLN A 176 9.70 7.16 -24.65
CA GLN A 176 10.56 7.17 -25.83
C GLN A 176 12.01 6.82 -25.52
N SER A 177 12.77 6.55 -26.58
CA SER A 177 14.17 6.18 -26.44
C SER A 177 14.98 7.35 -25.90
N SER A 178 14.47 8.57 -26.09
CA SER A 178 15.14 9.78 -25.61
C SER A 178 15.10 9.85 -24.10
N GLY A 179 14.17 9.11 -23.49
CA GLY A 179 14.05 9.12 -22.04
C GLY A 179 12.90 9.98 -21.58
N LEU A 180 12.17 10.54 -22.53
CA LEU A 180 11.02 11.38 -22.21
C LEU A 180 9.72 10.66 -22.52
N TYR A 181 8.65 11.12 -21.88
CA TYR A 181 7.35 10.54 -22.08
C TYR A 181 6.47 11.45 -22.93
N SER A 182 5.45 10.86 -23.54
CA SER A 182 4.47 11.59 -24.33
C SER A 182 3.18 10.83 -24.22
N LEU A 183 2.06 11.54 -24.13
CA LEU A 183 0.77 10.88 -24.08
C LEU A 183 -0.24 11.75 -24.81
N SER A 184 -1.39 11.18 -25.10
CA SER A 184 -2.44 11.91 -25.79
C SER A 184 -3.73 11.75 -25.03
N SER A 185 -4.59 12.75 -25.13
CA SER A 185 -5.90 12.71 -24.52
C SER A 185 -6.91 13.16 -25.56
N VAL A 186 -7.91 12.33 -25.78
CA VAL A 186 -8.93 12.61 -26.77
C VAL A 186 -10.31 12.57 -26.16
N VAL A 187 -11.23 13.28 -26.80
CA VAL A 187 -12.61 13.32 -26.35
C VAL A 187 -13.51 13.35 -27.58
N THR A 188 -14.49 12.47 -27.61
CA THR A 188 -15.41 12.39 -28.73
C THR A 188 -16.65 13.23 -28.43
N VAL A 189 -16.97 14.11 -29.36
CA VAL A 189 -18.09 15.00 -29.16
C VAL A 189 -18.98 15.06 -30.40
N PRO A 190 -20.26 15.41 -30.21
CA PRO A 190 -21.14 15.50 -31.37
C PRO A 190 -20.68 16.62 -32.31
N SER A 191 -20.45 16.26 -33.56
CA SER A 191 -20.02 17.22 -34.57
C SER A 191 -20.63 18.62 -34.45
N SER A 192 -21.92 18.70 -34.20
CA SER A 192 -22.60 19.99 -34.10
C SER A 192 -22.05 20.92 -33.02
N SER A 193 -21.70 20.37 -31.86
CA SER A 193 -21.21 21.20 -30.78
C SER A 193 -19.91 21.90 -31.14
N LEU A 194 -19.17 21.35 -32.10
CA LEU A 194 -17.92 21.92 -32.55
C LEU A 194 -18.10 23.40 -32.85
N GLY A 195 -19.28 23.75 -33.38
CA GLY A 195 -19.54 25.14 -33.71
C GLY A 195 -20.33 25.87 -32.64
N THR A 196 -20.59 25.21 -31.52
CA THR A 196 -21.38 25.84 -30.47
C THR A 196 -20.70 25.83 -29.11
N GLN A 197 -19.56 25.17 -29.01
CA GLN A 197 -18.87 25.10 -27.73
C GLN A 197 -17.36 25.09 -27.85
N THR A 198 -16.70 25.56 -26.80
CA THR A 198 -15.25 25.61 -26.75
C THR A 198 -14.68 24.41 -26.02
N TYR A 199 -13.53 23.92 -26.49
CA TYR A 199 -12.90 22.78 -25.88
C TYR A 199 -11.49 23.11 -25.41
N ILE A 200 -11.20 22.79 -24.15
CA ILE A 200 -9.88 23.08 -23.58
C ILE A 200 -9.37 21.93 -22.74
N CYS A 201 -8.18 21.41 -23.05
CA CYS A 201 -7.66 20.33 -22.23
C CYS A 201 -6.81 20.95 -21.14
N ASN A 202 -6.95 20.44 -19.93
CA ASN A 202 -6.20 20.96 -18.79
C ASN A 202 -5.11 19.96 -18.43
N VAL A 203 -3.88 20.30 -18.78
CA VAL A 203 -2.76 19.42 -18.50
C VAL A 203 -2.06 19.80 -17.22
N ASN A 204 -1.81 18.81 -16.38
CA ASN A 204 -1.13 19.06 -15.13
C ASN A 204 0.03 18.10 -14.96
N HIS A 205 1.22 18.67 -14.79
CA HIS A 205 2.45 17.91 -14.60
C HIS A 205 3.13 18.44 -13.34
N LYS A 206 2.67 17.93 -12.21
CA LYS A 206 3.17 18.35 -10.90
C LYS A 206 4.68 18.35 -10.71
N PRO A 207 5.39 17.36 -11.26
CA PRO A 207 6.83 17.33 -11.08
C PRO A 207 7.59 18.59 -11.52
N SER A 208 7.11 19.26 -12.54
CA SER A 208 7.77 20.46 -13.04
C SER A 208 6.99 21.72 -12.67
N ASN A 209 6.00 21.54 -11.80
CA ASN A 209 5.16 22.65 -11.38
C ASN A 209 4.66 23.40 -12.60
N THR A 210 4.11 22.63 -13.53
CA THR A 210 3.59 23.17 -14.78
C THR A 210 2.15 22.77 -15.07
N LYS A 211 1.35 23.74 -15.48
CA LYS A 211 -0.04 23.47 -15.83
C LYS A 211 -0.27 24.17 -17.14
N VAL A 212 -1.00 23.52 -18.04
CA VAL A 212 -1.30 24.10 -19.34
C VAL A 212 -2.77 23.91 -19.71
N ASP A 213 -3.41 24.98 -20.14
CA ASP A 213 -4.79 24.92 -20.59
C ASP A 213 -4.73 25.21 -22.07
N LYS A 214 -4.78 24.14 -22.87
CA LYS A 214 -4.70 24.28 -24.32
C LYS A 214 -6.05 24.25 -24.98
N LYS A 215 -6.34 25.30 -25.74
CA LYS A 215 -7.58 25.41 -26.45
C LYS A 215 -7.42 24.62 -27.74
N VAL A 216 -8.44 23.83 -28.07
CA VAL A 216 -8.39 23.01 -29.26
C VAL A 216 -9.51 23.44 -30.21
N GLU A 217 -9.12 24.12 -31.27
CA GLU A 217 -10.09 24.61 -32.23
C GLU A 217 -10.11 23.84 -33.54
N PRO A 218 -11.21 23.96 -34.30
CA PRO A 218 -11.35 23.29 -35.59
C PRO A 218 -10.30 23.88 -36.52
N LYS A 219 -9.52 23.01 -37.16
CA LYS A 219 -8.47 23.48 -38.06
C LYS A 219 -9.12 24.09 -39.30
N SER A 220 -8.77 25.34 -39.58
CA SER A 220 -9.31 26.04 -40.74
C SER A 220 -8.19 26.49 -41.66
N CYS A 221 -7.83 25.62 -42.59
CA CYS A 221 -6.76 25.89 -43.54
C CYS A 221 -7.18 26.96 -44.56
N SER B 1 11.12 -12.74 10.77
CA SER B 1 10.38 -12.27 9.55
C SER B 1 9.32 -13.27 9.12
N TYR B 2 8.07 -12.85 9.23
CA TYR B 2 6.92 -13.67 8.86
C TYR B 2 6.68 -13.53 7.35
N GLU B 3 6.33 -14.63 6.70
CA GLU B 3 6.08 -14.57 5.27
C GLU B 3 4.74 -15.18 4.87
N LEU B 4 4.18 -14.67 3.78
CA LEU B 4 2.92 -15.13 3.24
C LEU B 4 3.11 -15.62 1.81
N THR B 5 2.35 -16.65 1.44
CA THR B 5 2.49 -17.22 0.12
C THR B 5 1.22 -17.27 -0.72
N GLN B 6 1.29 -16.71 -1.92
CA GLN B 6 0.16 -16.70 -2.84
C GLN B 6 0.65 -17.16 -4.19
N PRO B 7 -0.23 -17.81 -4.96
CA PRO B 7 0.18 -18.27 -6.29
C PRO B 7 0.23 -17.02 -7.15
N PRO B 8 1.18 -16.93 -8.08
CA PRO B 8 1.26 -15.75 -8.94
C PRO B 8 0.07 -15.55 -9.89
N SER B 9 -0.51 -16.66 -10.35
CA SER B 9 -1.65 -16.59 -11.27
C SER B 9 -2.82 -17.47 -10.88
N VAL B 10 -3.92 -17.27 -11.58
CA VAL B 10 -5.16 -18.00 -11.40
C VAL B 10 -6.04 -17.65 -12.61
N SER B 11 -6.43 -18.65 -13.39
CA SER B 11 -7.27 -18.39 -14.55
C SER B 11 -8.65 -18.98 -14.30
N VAL B 12 -9.68 -18.31 -14.80
CA VAL B 12 -11.04 -18.76 -14.61
C VAL B 12 -11.92 -18.26 -15.74
N ALA B 13 -12.87 -19.10 -16.15
CA ALA B 13 -13.81 -18.75 -17.21
C ALA B 13 -14.92 -17.93 -16.55
N PRO B 14 -15.56 -17.04 -17.33
CA PRO B 14 -16.64 -16.23 -16.75
C PRO B 14 -17.68 -17.03 -15.97
N GLY B 15 -18.35 -16.36 -15.04
CA GLY B 15 -19.38 -17.00 -14.24
C GLY B 15 -18.94 -18.09 -13.28
N LYS B 16 -17.73 -18.59 -13.44
CA LYS B 16 -17.25 -19.64 -12.55
C LYS B 16 -16.64 -18.98 -11.30
N THR B 17 -16.26 -19.77 -10.32
CA THR B 17 -15.68 -19.19 -9.11
C THR B 17 -14.17 -19.42 -9.07
N ALA B 18 -13.45 -18.37 -8.67
CA ALA B 18 -12.00 -18.40 -8.57
C ALA B 18 -11.62 -18.45 -7.10
N ARG B 19 -10.56 -19.20 -6.80
CA ARG B 19 -10.11 -19.34 -5.42
C ARG B 19 -8.64 -18.98 -5.31
N ILE B 20 -8.32 -18.09 -4.36
CA ILE B 20 -6.94 -17.66 -4.13
C ILE B 20 -6.51 -18.03 -2.72
N THR B 21 -5.44 -18.80 -2.61
CA THR B 21 -4.99 -19.21 -1.29
C THR B 21 -3.79 -18.42 -0.77
N CYS B 22 -3.78 -18.20 0.53
CA CYS B 22 -2.71 -17.46 1.16
C CYS B 22 -2.11 -18.36 2.24
N GLY B 23 -0.85 -18.72 2.06
CA GLY B 23 -0.17 -19.59 3.00
C GLY B 23 0.65 -18.86 4.03
N GLY B 24 0.61 -19.36 5.26
CA GLY B 24 1.35 -18.75 6.34
C GLY B 24 1.30 -19.61 7.59
N ASN B 25 2.40 -19.62 8.33
CA ASN B 25 2.47 -20.38 9.56
C ASN B 25 1.34 -20.07 10.52
N ASN B 26 0.47 -21.06 10.74
CA ASN B 26 -0.66 -20.89 11.64
C ASN B 26 -1.37 -19.57 11.36
N ILE B 27 -1.62 -19.31 10.08
CA ILE B 27 -2.28 -18.08 9.66
C ILE B 27 -3.70 -18.00 10.24
N GLY B 28 -4.21 -19.12 10.72
CA GLY B 28 -5.55 -19.14 11.28
C GLY B 28 -5.65 -18.38 12.58
N SER B 29 -4.50 -18.16 13.22
CA SER B 29 -4.46 -17.44 14.49
C SER B 29 -4.38 -15.94 14.18
N LYS B 30 -4.20 -15.63 12.90
CA LYS B 30 -4.10 -14.24 12.45
C LYS B 30 -5.36 -13.77 11.70
N SER B 31 -5.56 -12.47 11.67
CA SER B 31 -6.72 -11.90 11.00
C SER B 31 -6.33 -11.49 9.58
N VAL B 32 -6.73 -12.30 8.61
CA VAL B 32 -6.41 -12.07 7.20
C VAL B 32 -7.21 -10.99 6.47
N HIS B 33 -6.50 -10.17 5.72
CA HIS B 33 -7.11 -9.10 4.92
C HIS B 33 -6.78 -9.30 3.43
N TRP B 34 -7.78 -9.04 2.58
CA TRP B 34 -7.60 -9.18 1.14
C TRP B 34 -7.82 -7.86 0.41
N TYR B 35 -6.92 -7.55 -0.51
CA TYR B 35 -7.03 -6.32 -1.27
C TYR B 35 -7.11 -6.59 -2.76
N GLN B 36 -7.94 -5.80 -3.43
CA GLN B 36 -8.11 -5.89 -4.86
C GLN B 36 -7.50 -4.63 -5.45
N GLN B 37 -6.64 -4.78 -6.43
CA GLN B 37 -6.02 -3.64 -7.07
C GLN B 37 -6.01 -3.78 -8.57
N LYS B 38 -6.86 -2.98 -9.23
CA LYS B 38 -6.95 -2.99 -10.68
C LYS B 38 -5.81 -2.19 -11.29
N PRO B 39 -5.59 -2.35 -12.60
CA PRO B 39 -4.52 -1.64 -13.32
C PRO B 39 -4.47 -0.14 -13.04
N GLY B 40 -3.31 0.34 -12.59
CA GLY B 40 -3.14 1.75 -12.30
C GLY B 40 -4.02 2.40 -11.25
N GLN B 41 -4.68 1.59 -10.41
CA GLN B 41 -5.53 2.14 -9.36
C GLN B 41 -4.93 1.83 -8.00
N ALA B 42 -5.59 2.33 -6.96
CA ALA B 42 -5.13 2.10 -5.59
C ALA B 42 -5.78 0.84 -5.05
N PRO B 43 -5.15 0.20 -4.05
CA PRO B 43 -5.70 -1.02 -3.47
C PRO B 43 -7.08 -0.75 -2.85
N VAL B 44 -7.89 -1.80 -2.79
CA VAL B 44 -9.22 -1.73 -2.23
C VAL B 44 -9.42 -2.96 -1.31
N LEU B 45 -9.96 -2.73 -0.11
CA LEU B 45 -10.20 -3.82 0.85
C LEU B 45 -11.46 -4.58 0.42
N VAL B 46 -11.32 -5.84 0.04
CA VAL B 46 -12.47 -6.61 -0.39
C VAL B 46 -12.92 -7.55 0.71
N VAL B 47 -11.97 -7.97 1.55
CA VAL B 47 -12.30 -8.85 2.65
C VAL B 47 -11.38 -8.58 3.83
N TYR B 48 -11.98 -8.32 4.98
CA TYR B 48 -11.19 -8.06 6.19
C TYR B 48 -11.57 -9.05 7.27
N ASP B 49 -10.68 -9.19 8.24
CA ASP B 49 -10.91 -10.09 9.36
C ASP B 49 -11.41 -11.48 8.93
N ASP B 50 -10.68 -12.07 7.98
CA ASP B 50 -10.97 -13.41 7.46
C ASP B 50 -12.15 -13.59 6.51
N SER B 51 -13.32 -13.10 6.86
CA SER B 51 -14.48 -13.32 5.99
C SER B 51 -15.60 -12.30 6.10
N ASP B 52 -15.25 -11.03 6.25
CA ASP B 52 -16.28 -10.03 6.32
C ASP B 52 -16.10 -9.08 5.16
N ARG B 53 -17.20 -8.65 4.58
CA ARG B 53 -17.17 -7.74 3.45
C ARG B 53 -17.43 -6.32 3.86
N PRO B 54 -16.57 -5.39 3.43
CA PRO B 54 -16.86 -4.01 3.83
C PRO B 54 -18.08 -3.58 3.03
N SER B 55 -18.85 -2.66 3.58
CA SER B 55 -20.06 -2.18 2.90
C SER B 55 -19.69 -1.68 1.50
N GLY B 56 -20.31 -2.28 0.48
CA GLY B 56 -20.04 -1.87 -0.89
C GLY B 56 -19.42 -2.95 -1.75
N ILE B 57 -18.95 -4.02 -1.13
CA ILE B 57 -18.34 -5.11 -1.87
C ILE B 57 -19.33 -6.24 -2.08
N PRO B 58 -19.50 -6.68 -3.34
CA PRO B 58 -20.41 -7.76 -3.72
C PRO B 58 -20.29 -8.99 -2.83
N GLU B 59 -21.40 -9.69 -2.64
CA GLU B 59 -21.40 -10.90 -1.81
C GLU B 59 -20.62 -11.99 -2.53
N ARG B 60 -20.22 -11.72 -3.77
CA ARG B 60 -19.46 -12.67 -4.56
C ARG B 60 -18.08 -12.92 -3.95
N PHE B 61 -17.61 -11.95 -3.17
CA PHE B 61 -16.31 -12.03 -2.51
C PHE B 61 -16.49 -12.58 -1.10
N SER B 62 -15.71 -13.60 -0.78
CA SER B 62 -15.79 -14.21 0.55
C SER B 62 -14.45 -14.84 0.89
N GLY B 63 -14.09 -14.81 2.17
CA GLY B 63 -12.82 -15.39 2.56
C GLY B 63 -12.99 -16.43 3.66
N SER B 64 -11.93 -17.16 3.94
CA SER B 64 -11.94 -18.18 4.97
C SER B 64 -10.50 -18.31 5.45
N ASN B 65 -10.34 -18.68 6.71
CA ASN B 65 -9.00 -18.84 7.29
C ASN B 65 -9.04 -19.94 8.32
N SER B 66 -8.06 -20.84 8.24
CA SER B 66 -7.93 -21.96 9.16
C SER B 66 -6.65 -22.73 8.87
N GLY B 67 -5.92 -23.08 9.93
CA GLY B 67 -4.68 -23.82 9.77
C GLY B 67 -3.56 -22.94 9.27
N ASN B 68 -3.06 -23.25 8.07
CA ASN B 68 -1.98 -22.47 7.46
C ASN B 68 -2.44 -22.01 6.09
N THR B 69 -3.74 -21.83 5.92
CA THR B 69 -4.27 -21.42 4.64
C THR B 69 -5.55 -20.60 4.71
N ALA B 70 -5.48 -19.39 4.18
CA ALA B 70 -6.63 -18.51 4.12
C ALA B 70 -7.01 -18.50 2.65
N THR B 71 -8.30 -18.33 2.36
CA THR B 71 -8.70 -18.37 0.97
C THR B 71 -9.71 -17.30 0.61
N LEU B 72 -9.50 -16.70 -0.56
CA LEU B 72 -10.39 -15.69 -1.09
C LEU B 72 -11.17 -16.40 -2.18
N THR B 73 -12.49 -16.32 -2.10
CA THR B 73 -13.32 -16.98 -3.07
C THR B 73 -14.19 -15.96 -3.78
N ILE B 74 -14.16 -16.00 -5.11
CA ILE B 74 -14.95 -15.08 -5.92
C ILE B 74 -15.90 -15.85 -6.82
N SER B 75 -17.16 -15.91 -6.42
CA SER B 75 -18.17 -16.62 -7.20
C SER B 75 -18.60 -15.79 -8.41
N ARG B 76 -19.07 -16.49 -9.45
CA ARG B 76 -19.53 -15.86 -10.68
C ARG B 76 -18.64 -14.73 -11.15
N VAL B 77 -17.37 -15.03 -11.42
CA VAL B 77 -16.43 -14.00 -11.86
C VAL B 77 -16.90 -13.19 -13.09
N GLU B 78 -16.50 -11.93 -13.11
CA GLU B 78 -16.81 -11.03 -14.21
C GLU B 78 -15.48 -10.55 -14.78
N ALA B 79 -15.51 -10.04 -16.00
CA ALA B 79 -14.28 -9.53 -16.62
C ALA B 79 -13.78 -8.42 -15.71
N GLY B 80 -14.70 -7.72 -15.07
CA GLY B 80 -14.32 -6.64 -14.17
C GLY B 80 -13.53 -7.08 -12.95
N ASP B 81 -13.53 -8.37 -12.66
CA ASP B 81 -12.81 -8.87 -11.50
C ASP B 81 -11.33 -9.06 -11.75
N GLU B 82 -10.88 -8.81 -12.97
CA GLU B 82 -9.46 -8.97 -13.24
C GLU B 82 -8.70 -7.93 -12.45
N ALA B 83 -7.65 -8.38 -11.76
CA ALA B 83 -6.84 -7.48 -10.95
C ALA B 83 -5.84 -8.31 -10.18
N ASP B 84 -5.04 -7.65 -9.36
CA ASP B 84 -4.08 -8.35 -8.53
C ASP B 84 -4.73 -8.42 -7.14
N TYR B 85 -4.68 -9.59 -6.52
CA TYR B 85 -5.27 -9.77 -5.20
C TYR B 85 -4.19 -10.05 -4.18
N TYR B 86 -4.13 -9.21 -3.15
CA TYR B 86 -3.13 -9.37 -2.11
C TYR B 86 -3.74 -9.75 -0.78
N CYS B 87 -3.11 -10.69 -0.08
CA CYS B 87 -3.56 -11.03 1.25
C CYS B 87 -2.60 -10.34 2.20
N GLN B 88 -3.08 -10.01 3.40
CA GLN B 88 -2.24 -9.31 4.35
C GLN B 88 -2.60 -9.63 5.80
N VAL B 89 -1.59 -9.60 6.66
CA VAL B 89 -1.78 -9.85 8.09
C VAL B 89 -0.80 -9.00 8.88
N TRP B 90 -0.96 -9.02 10.21
CA TRP B 90 -0.08 -8.30 11.12
C TRP B 90 0.55 -9.34 12.02
N ASP B 91 1.85 -9.23 12.24
CA ASP B 91 2.55 -10.16 13.11
C ASP B 91 3.35 -9.33 14.11
N SER B 92 3.37 -9.77 15.37
CA SER B 92 4.07 -9.04 16.43
C SER B 92 5.56 -8.78 16.17
N SER B 93 6.17 -9.56 15.28
CA SER B 93 7.59 -9.39 14.97
C SER B 93 7.86 -8.73 13.62
N SER B 94 6.94 -8.87 12.68
CA SER B 94 7.14 -8.32 11.34
C SER B 94 6.16 -7.22 10.95
N ASP B 95 5.34 -6.78 11.89
CA ASP B 95 4.39 -5.73 11.62
C ASP B 95 3.40 -6.21 10.56
N TYR B 96 3.03 -5.35 9.62
CA TYR B 96 2.08 -5.70 8.57
C TYR B 96 2.76 -6.39 7.39
N VAL B 97 2.37 -7.63 7.11
CA VAL B 97 2.95 -8.37 6.00
C VAL B 97 1.96 -8.58 4.85
N PHE B 98 2.45 -8.38 3.63
CA PHE B 98 1.65 -8.57 2.44
C PHE B 98 2.14 -9.80 1.68
N GLY B 99 1.24 -10.49 1.00
CA GLY B 99 1.64 -11.64 0.23
C GLY B 99 2.19 -11.12 -1.10
N THR B 100 2.93 -11.94 -1.82
CA THR B 100 3.48 -11.53 -3.11
C THR B 100 2.39 -11.10 -4.12
N GLY B 101 1.15 -11.49 -3.87
CA GLY B 101 0.06 -11.10 -4.77
C GLY B 101 -0.31 -12.11 -5.85
N THR B 102 -1.58 -12.14 -6.21
CA THR B 102 -2.07 -13.06 -7.22
C THR B 102 -2.82 -12.33 -8.35
N LYS B 103 -2.43 -12.61 -9.58
CA LYS B 103 -3.07 -12.00 -10.74
C LYS B 103 -4.21 -12.91 -11.20
N VAL B 104 -5.42 -12.36 -11.25
CA VAL B 104 -6.57 -13.13 -11.68
C VAL B 104 -6.97 -12.80 -13.12
N THR B 105 -6.99 -13.82 -13.96
CA THR B 105 -7.34 -13.65 -15.35
C THR B 105 -8.65 -14.37 -15.68
N VAL B 106 -9.50 -13.70 -16.44
CA VAL B 106 -10.77 -14.28 -16.86
C VAL B 106 -10.64 -14.70 -18.31
N LEU B 107 -10.81 -15.98 -18.55
CA LEU B 107 -10.69 -16.54 -19.89
C LEU B 107 -11.96 -16.40 -20.70
N GLY B 108 -11.87 -16.75 -21.98
CA GLY B 108 -13.02 -16.71 -22.87
C GLY B 108 -13.73 -15.40 -23.13
N GLN B 109 -13.09 -14.26 -22.91
CA GLN B 109 -13.76 -13.00 -23.17
C GLN B 109 -13.94 -12.82 -24.68
N PRO B 110 -15.02 -12.16 -25.10
CA PRO B 110 -15.30 -11.94 -26.52
C PRO B 110 -14.29 -11.04 -27.25
N LYS B 111 -14.10 -11.33 -28.52
CA LYS B 111 -13.19 -10.59 -29.37
C LYS B 111 -13.78 -9.22 -29.64
N ALA B 112 -12.92 -8.22 -29.68
CA ALA B 112 -13.34 -6.85 -29.96
C ALA B 112 -12.33 -6.27 -30.95
N ASN B 113 -12.83 -5.76 -32.08
CA ASN B 113 -11.95 -5.17 -33.10
C ASN B 113 -11.55 -3.76 -32.70
N PRO B 114 -10.29 -3.41 -32.94
CA PRO B 114 -9.77 -2.09 -32.60
C PRO B 114 -10.35 -0.92 -33.36
N THR B 115 -10.35 0.24 -32.72
CA THR B 115 -10.82 1.46 -33.35
C THR B 115 -9.58 2.28 -33.46
N VAL B 116 -9.28 2.71 -34.68
CA VAL B 116 -8.07 3.48 -34.93
C VAL B 116 -8.33 4.92 -35.33
N THR B 117 -7.66 5.83 -34.64
CA THR B 117 -7.78 7.26 -34.88
C THR B 117 -6.39 7.83 -35.14
N LEU B 118 -6.21 8.45 -36.30
CA LEU B 118 -4.93 9.03 -36.71
C LEU B 118 -4.98 10.53 -36.91
N PHE B 119 -4.16 11.26 -36.16
CA PHE B 119 -4.10 12.72 -36.25
C PHE B 119 -2.81 13.19 -36.95
N PRO B 120 -2.94 14.12 -37.91
CA PRO B 120 -1.72 14.61 -38.59
C PRO B 120 -1.00 15.55 -37.60
N PRO B 121 0.24 15.94 -37.90
CA PRO B 121 0.94 16.84 -36.97
C PRO B 121 0.23 18.19 -36.84
N SER B 122 0.49 18.87 -35.74
CA SER B 122 -0.09 20.19 -35.53
C SER B 122 0.95 21.13 -36.11
N SER B 123 0.52 22.16 -36.84
CA SER B 123 1.49 23.11 -37.40
C SER B 123 2.19 23.88 -36.28
N GLU B 124 1.52 24.04 -35.15
CA GLU B 124 2.14 24.76 -34.04
C GLU B 124 3.45 24.05 -33.72
N GLU B 125 3.45 22.73 -33.85
CA GLU B 125 4.63 21.96 -33.53
C GLU B 125 5.80 22.22 -34.47
N PHE B 126 5.51 22.58 -35.71
CA PHE B 126 6.57 22.87 -36.68
C PHE B 126 7.47 23.95 -36.08
N GLN B 127 6.88 24.84 -35.28
CA GLN B 127 7.63 25.92 -34.67
C GLN B 127 8.86 25.47 -33.90
N ALA B 128 8.94 24.18 -33.57
CA ALA B 128 10.08 23.63 -32.85
C ALA B 128 10.85 22.74 -33.80
N ASN B 129 10.49 22.81 -35.07
CA ASN B 129 11.07 22.00 -36.14
C ASN B 129 10.79 20.52 -35.92
N LYS B 130 9.65 20.24 -35.31
CA LYS B 130 9.23 18.88 -35.08
C LYS B 130 7.81 18.68 -35.62
N ALA B 131 7.51 17.45 -36.00
CA ALA B 131 6.18 17.09 -36.50
C ALA B 131 5.91 15.66 -36.04
N THR B 132 4.85 15.50 -35.27
CA THR B 132 4.48 14.19 -34.73
C THR B 132 3.11 13.72 -35.21
N LEU B 133 3.02 12.47 -35.66
CA LEU B 133 1.75 11.90 -36.09
C LEU B 133 1.41 10.98 -34.94
N VAL B 134 0.15 11.02 -34.53
CA VAL B 134 -0.31 10.21 -33.40
C VAL B 134 -1.40 9.22 -33.81
N CYS B 135 -1.17 7.95 -33.50
CA CYS B 135 -2.10 6.89 -33.84
C CYS B 135 -2.61 6.24 -32.54
N LEU B 136 -3.87 6.50 -32.23
CA LEU B 136 -4.50 5.99 -31.02
C LEU B 136 -5.32 4.74 -31.34
N ILE B 137 -5.10 3.70 -30.56
CA ILE B 137 -5.79 2.43 -30.79
C ILE B 137 -6.58 2.03 -29.57
N SER B 138 -7.88 1.88 -29.73
CA SER B 138 -8.72 1.52 -28.59
C SER B 138 -9.78 0.43 -28.79
N ASP B 139 -10.46 0.12 -27.69
CA ASP B 139 -11.54 -0.85 -27.64
C ASP B 139 -11.30 -2.19 -28.34
N PHE B 140 -10.13 -2.79 -28.13
CA PHE B 140 -9.87 -4.07 -28.77
C PHE B 140 -9.62 -5.18 -27.77
N TYR B 141 -9.82 -6.41 -28.22
CA TYR B 141 -9.58 -7.56 -27.37
C TYR B 141 -9.42 -8.81 -28.22
N PRO B 142 -8.44 -9.67 -27.88
CA PRO B 142 -7.48 -9.54 -26.78
C PRO B 142 -6.50 -8.36 -26.87
N GLY B 143 -5.75 -8.15 -25.78
CA GLY B 143 -4.79 -7.05 -25.71
C GLY B 143 -3.44 -7.36 -26.33
N ALA B 144 -3.41 -7.42 -27.66
CA ALA B 144 -2.19 -7.69 -28.40
C ALA B 144 -2.35 -7.10 -29.80
N VAL B 145 -1.41 -6.25 -30.20
CA VAL B 145 -1.48 -5.64 -31.50
C VAL B 145 -0.10 -5.23 -31.97
N THR B 146 0.12 -5.27 -33.28
CA THR B 146 1.40 -4.84 -33.84
C THR B 146 1.11 -3.57 -34.63
N VAL B 147 2.02 -2.62 -34.61
CA VAL B 147 1.81 -1.38 -35.35
C VAL B 147 2.93 -1.09 -36.34
N ALA B 148 2.53 -0.77 -37.57
CA ALA B 148 3.46 -0.46 -38.64
C ALA B 148 3.08 0.89 -39.24
N TRP B 149 4.08 1.58 -39.78
CA TRP B 149 3.84 2.87 -40.41
C TRP B 149 4.38 2.84 -41.83
N LYS B 150 3.75 3.62 -42.71
CA LYS B 150 4.17 3.70 -44.09
C LYS B 150 4.25 5.16 -44.49
N ALA B 151 5.14 5.44 -45.44
CA ALA B 151 5.34 6.78 -45.98
C ALA B 151 5.20 6.67 -47.49
N ASP B 152 4.21 7.33 -48.07
CA ASP B 152 3.99 7.28 -49.51
C ASP B 152 3.71 5.86 -49.99
N GLY B 153 4.08 4.87 -49.18
CA GLY B 153 3.85 3.50 -49.57
C GLY B 153 4.82 2.49 -49.00
N SER B 154 6.08 2.88 -48.82
CA SER B 154 7.08 1.96 -48.28
C SER B 154 7.22 2.02 -46.76
N PRO B 155 7.62 0.90 -46.15
CA PRO B 155 7.81 0.79 -44.70
C PRO B 155 8.66 1.89 -44.09
N VAL B 156 8.29 2.32 -42.88
CA VAL B 156 9.01 3.38 -42.17
C VAL B 156 9.88 2.75 -41.10
N LYS B 157 11.20 2.90 -41.27
CA LYS B 157 12.18 2.29 -40.37
C LYS B 157 12.54 3.05 -39.10
N ALA B 158 12.16 4.32 -38.97
CA ALA B 158 12.56 5.07 -37.79
C ALA B 158 11.52 6.03 -37.22
N GLY B 159 11.83 6.54 -36.03
CA GLY B 159 10.96 7.48 -35.35
C GLY B 159 9.65 6.91 -34.87
N VAL B 160 9.58 5.58 -34.73
CA VAL B 160 8.36 4.92 -34.28
C VAL B 160 8.43 4.45 -32.83
N GLU B 161 7.57 5.00 -32.00
CA GLU B 161 7.50 4.63 -30.60
C GLU B 161 6.07 4.18 -30.34
N THR B 162 5.90 2.95 -29.90
CA THR B 162 4.59 2.37 -29.65
C THR B 162 4.52 1.77 -28.25
N THR B 163 3.42 2.05 -27.56
CA THR B 163 3.19 1.55 -26.19
C THR B 163 2.68 0.12 -26.15
N LYS B 164 2.78 -0.51 -25.00
CA LYS B 164 2.25 -1.86 -24.83
C LYS B 164 0.79 -1.65 -24.51
N PRO B 165 -0.07 -2.60 -24.89
CA PRO B 165 -1.50 -2.48 -24.61
C PRO B 165 -1.82 -2.40 -23.12
N SER B 166 -2.91 -1.72 -22.78
CA SER B 166 -3.29 -1.61 -21.37
C SER B 166 -4.80 -1.63 -21.23
N LYS B 167 -5.27 -2.25 -20.15
CA LYS B 167 -6.68 -2.39 -19.83
C LYS B 167 -7.48 -1.11 -19.65
N GLN B 168 -8.61 -1.02 -20.34
CA GLN B 168 -9.50 0.14 -20.21
C GLN B 168 -10.57 -0.23 -19.16
N SER B 169 -11.20 0.79 -18.60
CA SER B 169 -12.24 0.58 -17.60
C SER B 169 -13.38 -0.28 -18.12
N ASN B 170 -13.46 -0.43 -19.44
CA ASN B 170 -14.52 -1.23 -20.04
C ASN B 170 -14.04 -2.64 -20.36
N ASN B 171 -12.89 -2.99 -19.81
CA ASN B 171 -12.31 -4.31 -20.01
C ASN B 171 -11.69 -4.57 -21.37
N LYS B 172 -11.74 -3.58 -22.26
CA LYS B 172 -11.10 -3.75 -23.55
C LYS B 172 -9.73 -3.09 -23.40
N TYR B 173 -8.94 -3.04 -24.47
CA TYR B 173 -7.61 -2.46 -24.39
C TYR B 173 -7.38 -1.25 -25.28
N ALA B 174 -6.34 -0.50 -24.93
CA ALA B 174 -5.95 0.69 -25.67
C ALA B 174 -4.44 0.70 -25.78
N ALA B 175 -3.96 1.33 -26.84
CA ALA B 175 -2.52 1.46 -27.08
C ALA B 175 -2.35 2.62 -28.04
N SER B 176 -1.12 3.08 -28.18
CA SER B 176 -0.87 4.17 -29.10
C SER B 176 0.56 4.10 -29.62
N SER B 177 0.75 4.67 -30.80
CA SER B 177 2.04 4.68 -31.46
C SER B 177 2.31 6.10 -31.92
N TYR B 178 3.56 6.54 -31.79
CA TYR B 178 3.95 7.88 -32.21
C TYR B 178 5.03 7.81 -33.29
N LEU B 179 4.89 8.64 -34.31
CA LEU B 179 5.90 8.71 -35.36
C LEU B 179 6.40 10.14 -35.38
N SER B 180 7.66 10.32 -34.98
CA SER B 180 8.26 11.65 -34.95
C SER B 180 9.11 11.91 -36.18
N LEU B 181 8.91 13.05 -36.81
CA LEU B 181 9.68 13.41 -37.99
C LEU B 181 9.88 14.92 -38.05
N THR B 182 10.46 15.41 -39.14
CA THR B 182 10.69 16.85 -39.27
C THR B 182 9.60 17.46 -40.12
N PRO B 183 9.42 18.78 -39.99
CA PRO B 183 8.38 19.42 -40.80
C PRO B 183 8.64 19.18 -42.28
N GLU B 184 9.91 19.12 -42.67
CA GLU B 184 10.25 18.90 -44.08
C GLU B 184 9.85 17.51 -44.55
N GLN B 185 10.23 16.49 -43.79
CA GLN B 185 9.87 15.11 -44.14
C GLN B 185 8.37 15.02 -44.31
N TRP B 186 7.65 15.56 -43.33
CA TRP B 186 6.20 15.55 -43.32
C TRP B 186 5.61 16.20 -44.57
N LYS B 187 6.11 17.39 -44.91
CA LYS B 187 5.61 18.12 -46.06
C LYS B 187 6.07 17.55 -47.39
N SER B 188 7.16 16.79 -47.36
CA SER B 188 7.72 16.23 -48.57
C SER B 188 6.91 15.08 -49.18
N HIS B 189 6.45 14.15 -48.34
CA HIS B 189 5.69 12.98 -48.79
C HIS B 189 4.24 13.27 -49.19
N ARG B 190 3.64 12.34 -49.93
CA ARG B 190 2.25 12.48 -50.36
C ARG B 190 1.31 12.03 -49.26
N SER B 191 1.79 11.16 -48.38
CA SER B 191 0.95 10.67 -47.31
C SER B 191 1.69 9.75 -46.36
N TYR B 192 1.13 9.60 -45.17
CA TYR B 192 1.68 8.73 -44.14
C TYR B 192 0.53 7.85 -43.66
N SER B 193 0.85 6.63 -43.28
CA SER B 193 -0.19 5.73 -42.84
C SER B 193 0.16 4.91 -41.62
N CYS B 194 -0.84 4.73 -40.77
CA CYS B 194 -0.71 3.93 -39.57
C CYS B 194 -1.45 2.61 -39.87
N GLN B 195 -0.76 1.48 -39.73
CA GLN B 195 -1.39 0.18 -39.96
C GLN B 195 -1.40 -0.61 -38.65
N VAL B 196 -2.60 -0.91 -38.17
CA VAL B 196 -2.78 -1.64 -36.92
C VAL B 196 -3.20 -3.08 -37.21
N THR B 197 -2.45 -4.06 -36.71
CA THR B 197 -2.82 -5.44 -36.97
C THR B 197 -3.25 -6.11 -35.68
N HIS B 198 -4.49 -6.60 -35.67
CA HIS B 198 -5.05 -7.28 -34.50
C HIS B 198 -5.74 -8.57 -34.89
N GLU B 199 -5.29 -9.68 -34.30
CA GLU B 199 -5.88 -10.97 -34.58
C GLU B 199 -6.02 -11.28 -36.08
N GLY B 200 -4.90 -11.22 -36.79
CA GLY B 200 -4.91 -11.52 -38.21
C GLY B 200 -5.54 -10.54 -39.18
N SER B 201 -6.12 -9.47 -38.67
CA SER B 201 -6.74 -8.48 -39.53
C SER B 201 -6.04 -7.15 -39.33
N THR B 202 -6.08 -6.28 -40.35
CA THR B 202 -5.42 -4.99 -40.28
C THR B 202 -6.32 -3.81 -40.60
N VAL B 203 -6.13 -2.74 -39.85
CA VAL B 203 -6.87 -1.51 -40.07
C VAL B 203 -5.83 -0.45 -40.36
N GLU B 204 -6.02 0.30 -41.44
CA GLU B 204 -5.08 1.34 -41.80
C GLU B 204 -5.70 2.71 -42.00
N LYS B 205 -5.07 3.71 -41.39
CA LYS B 205 -5.52 5.08 -41.53
C LYS B 205 -4.39 5.85 -42.21
N THR B 206 -4.75 6.80 -43.05
CA THR B 206 -3.79 7.59 -43.80
C THR B 206 -4.08 9.10 -43.66
N VAL B 207 -3.01 9.89 -43.55
CA VAL B 207 -3.13 11.36 -43.46
C VAL B 207 -2.15 11.97 -44.45
N ALA B 208 -2.52 13.10 -45.03
CA ALA B 208 -1.66 13.78 -45.99
C ALA B 208 -1.46 15.25 -45.63
N PRO B 209 -0.29 15.82 -45.98
CA PRO B 209 0.08 17.21 -45.70
C PRO B 209 -0.90 18.22 -46.29
N THR B 210 -1.23 18.03 -47.56
CA THR B 210 -2.15 18.91 -48.26
C THR B 210 -3.56 18.73 -47.71
N GLU B 211 -3.87 17.49 -47.36
CA GLU B 211 -5.17 17.10 -46.82
C GLU B 211 -5.72 18.05 -45.75
N CYS B 212 -4.84 18.81 -45.12
CA CYS B 212 -5.24 19.74 -44.07
C CYS B 212 -5.71 19.01 -42.82
N ASN C 5 -3.51 -32.82 41.69
CA ASN C 5 -3.99 -31.42 41.54
C ASN C 5 -3.74 -30.89 40.13
N LEU C 6 -4.65 -30.04 39.67
CA LEU C 6 -4.52 -29.42 38.36
C LEU C 6 -4.11 -27.98 38.59
N CYS C 7 -2.94 -27.60 38.08
CA CYS C 7 -2.42 -26.25 38.27
C CYS C 7 -3.35 -25.10 37.93
N PRO C 8 -3.28 -24.01 38.73
CA PRO C 8 -4.09 -22.80 38.56
C PRO C 8 -3.66 -21.93 37.39
N PHE C 9 -3.71 -22.49 36.18
CA PHE C 9 -3.35 -21.75 34.99
C PHE C 9 -4.52 -20.93 34.51
N GLY C 10 -5.73 -21.36 34.86
CA GLY C 10 -6.91 -20.61 34.48
C GLY C 10 -6.97 -19.36 35.34
N GLU C 11 -6.45 -19.47 36.55
CA GLU C 11 -6.43 -18.34 37.49
C GLU C 11 -5.43 -17.28 37.04
N VAL C 12 -4.48 -17.69 36.21
CA VAL C 12 -3.47 -16.78 35.69
C VAL C 12 -3.89 -16.16 34.35
N PHE C 13 -4.14 -17.01 33.35
CA PHE C 13 -4.53 -16.53 32.04
C PHE C 13 -5.91 -15.88 31.98
N ASN C 14 -6.78 -16.22 32.91
CA ASN C 14 -8.12 -15.65 32.93
C ASN C 14 -8.29 -14.68 34.09
N ALA C 15 -7.19 -14.31 34.74
CA ALA C 15 -7.24 -13.38 35.86
C ALA C 15 -7.97 -12.14 35.36
N THR C 16 -8.82 -11.59 36.21
CA THR C 16 -9.60 -10.41 35.85
C THR C 16 -8.76 -9.17 35.60
N LYS C 17 -7.78 -8.94 36.46
CA LYS C 17 -6.94 -7.76 36.31
C LYS C 17 -5.48 -8.13 36.06
N PHE C 18 -4.81 -7.29 35.29
CA PHE C 18 -3.41 -7.49 34.97
C PHE C 18 -2.66 -6.23 35.35
N PRO C 19 -1.39 -6.36 35.77
CA PRO C 19 -0.56 -5.22 36.15
C PRO C 19 0.21 -4.64 34.97
N SER C 20 0.80 -3.46 35.19
CA SER C 20 1.62 -2.78 34.17
C SER C 20 2.93 -3.54 34.08
N VAL C 21 3.65 -3.36 32.97
CA VAL C 21 4.93 -4.05 32.79
C VAL C 21 5.94 -3.75 33.88
N TYR C 22 6.16 -2.47 34.16
CA TYR C 22 7.13 -2.06 35.17
C TYR C 22 6.80 -2.65 36.54
N ALA C 23 5.53 -2.93 36.78
CA ALA C 23 5.09 -3.53 38.03
C ALA C 23 4.59 -4.94 37.77
N TRP C 24 5.29 -5.66 36.90
CA TRP C 24 4.89 -7.02 36.55
C TRP C 24 4.84 -7.93 37.76
N GLU C 25 3.81 -8.77 37.82
CA GLU C 25 3.63 -9.66 38.92
C GLU C 25 3.99 -11.11 38.58
N ARG C 26 4.47 -11.84 39.58
CA ARG C 26 4.86 -13.23 39.41
C ARG C 26 4.13 -14.15 40.37
N LYS C 27 3.74 -15.29 39.84
CA LYS C 27 3.05 -16.33 40.59
C LYS C 27 3.85 -17.61 40.36
N LYS C 28 4.15 -18.34 41.42
CA LYS C 28 4.88 -19.58 41.23
C LYS C 28 3.93 -20.77 41.28
N ILE C 29 4.13 -21.70 40.35
CA ILE C 29 3.34 -22.90 40.24
C ILE C 29 4.13 -24.05 40.84
N SER C 30 3.45 -24.93 41.57
CA SER C 30 4.13 -26.06 42.19
C SER C 30 3.19 -27.14 42.71
N ASN C 31 3.77 -28.30 42.99
CA ASN C 31 3.02 -29.44 43.51
C ASN C 31 1.68 -29.58 42.81
N CYS C 32 1.73 -29.79 41.50
CA CYS C 32 0.53 -29.91 40.69
C CYS C 32 0.81 -30.67 39.39
N VAL C 33 -0.24 -30.83 38.60
CA VAL C 33 -0.15 -31.51 37.31
C VAL C 33 -0.58 -30.43 36.31
N ALA C 34 0.22 -30.21 35.29
CA ALA C 34 -0.10 -29.18 34.31
C ALA C 34 -0.35 -29.66 32.88
N ASP C 35 -1.60 -29.56 32.44
CA ASP C 35 -1.94 -29.95 31.09
C ASP C 35 -1.72 -28.71 30.23
N TYR C 36 -0.66 -28.72 29.43
CA TYR C 36 -0.36 -27.56 28.61
C TYR C 36 -1.20 -27.44 27.34
N SER C 37 -1.71 -28.56 26.85
CA SER C 37 -2.52 -28.53 25.65
C SER C 37 -3.68 -27.55 25.79
N VAL C 38 -4.14 -27.34 27.02
CA VAL C 38 -5.23 -26.42 27.31
C VAL C 38 -4.94 -25.01 26.80
N LEU C 39 -3.70 -24.77 26.41
CA LEU C 39 -3.31 -23.47 25.90
C LEU C 39 -2.48 -23.61 24.64
N TYR C 40 -1.89 -24.78 24.46
CA TYR C 40 -1.04 -25.05 23.29
C TYR C 40 -1.79 -25.00 21.96
N ASN C 41 -3.08 -25.35 21.96
CA ASN C 41 -3.88 -25.35 20.74
C ASN C 41 -4.94 -24.27 20.62
N SER C 42 -5.07 -23.42 21.65
CA SER C 42 -6.06 -22.36 21.61
C SER C 42 -5.71 -21.38 20.50
N THR C 43 -6.71 -20.99 19.71
CA THR C 43 -6.50 -20.02 18.64
C THR C 43 -6.39 -18.68 19.36
N PHE C 44 -6.68 -18.75 20.66
CA PHE C 44 -6.67 -17.63 21.59
C PHE C 44 -5.42 -16.74 21.60
N PHE C 45 -4.23 -17.35 21.49
CA PHE C 45 -3.00 -16.57 21.54
C PHE C 45 -2.41 -16.19 20.19
N SER C 46 -2.05 -14.92 20.07
CA SER C 46 -1.44 -14.41 18.85
C SER C 46 0.06 -14.66 18.90
N THR C 47 0.57 -14.85 20.10
CA THR C 47 1.98 -15.13 20.30
C THR C 47 2.14 -16.29 21.26
N PHE C 48 2.89 -17.30 20.85
CA PHE C 48 3.15 -18.47 21.67
C PHE C 48 4.49 -19.05 21.25
N LYS C 49 5.56 -18.39 21.68
CA LYS C 49 6.92 -18.78 21.36
C LYS C 49 7.65 -19.34 22.59
N CYS C 50 8.15 -20.56 22.49
CA CYS C 50 8.89 -21.17 23.59
C CYS C 50 10.38 -21.21 23.27
N TYR C 51 11.18 -21.34 24.32
CA TYR C 51 12.64 -21.37 24.16
C TYR C 51 13.26 -22.58 24.84
N GLY C 52 13.89 -23.42 24.03
CA GLY C 52 14.53 -24.62 24.55
C GLY C 52 13.53 -25.49 25.27
N VAL C 53 12.32 -25.59 24.73
CA VAL C 53 11.28 -26.38 25.36
C VAL C 53 10.33 -27.02 24.35
N SER C 54 10.09 -26.32 23.25
CA SER C 54 9.19 -26.82 22.21
C SER C 54 7.78 -27.04 22.78
N ALA C 55 6.90 -26.08 22.50
CA ALA C 55 5.52 -26.10 22.96
C ALA C 55 4.85 -27.47 23.01
N THR C 56 4.94 -28.23 21.92
CA THR C 56 4.31 -29.55 21.85
C THR C 56 4.78 -30.56 22.90
N LYS C 57 6.08 -30.75 23.02
CA LYS C 57 6.64 -31.70 23.99
C LYS C 57 6.44 -31.28 25.44
N LEU C 58 5.89 -30.09 25.64
CA LEU C 58 5.66 -29.57 26.99
C LEU C 58 5.13 -30.59 27.98
N ASN C 59 3.87 -30.99 27.79
CA ASN C 59 3.24 -31.95 28.68
C ASN C 59 4.14 -33.12 29.07
N ASP C 60 4.80 -33.72 28.08
CA ASP C 60 5.68 -34.86 28.32
C ASP C 60 6.95 -34.53 29.10
N LEU C 61 6.83 -33.77 30.19
CA LEU C 61 7.98 -33.39 31.00
C LEU C 61 7.63 -33.12 32.46
N CYS C 62 8.68 -32.89 33.25
CA CYS C 62 8.54 -32.60 34.68
C CYS C 62 9.45 -31.42 35.05
N PHE C 63 9.08 -30.69 36.10
CA PHE C 63 9.84 -29.54 36.58
C PHE C 63 9.63 -29.37 38.08
N SER C 64 10.60 -28.76 38.75
CA SER C 64 10.48 -28.53 40.18
C SER C 64 9.39 -27.48 40.36
N ASN C 65 9.55 -26.37 39.64
CA ASN C 65 8.59 -25.28 39.71
C ASN C 65 8.42 -24.57 38.38
N VAL C 66 7.29 -23.89 38.24
CA VAL C 66 6.98 -23.13 37.05
C VAL C 66 6.58 -21.74 37.54
N TYR C 67 7.21 -20.71 36.99
CA TYR C 67 6.88 -19.36 37.39
C TYR C 67 6.15 -18.70 36.23
N ALA C 68 5.11 -17.95 36.56
CA ALA C 68 4.33 -17.24 35.55
C ALA C 68 4.35 -15.74 35.82
N ASP C 69 4.85 -14.97 34.86
CA ASP C 69 4.89 -13.53 35.00
C ASP C 69 3.81 -12.92 34.13
N SER C 70 3.01 -12.02 34.72
CA SER C 70 1.91 -11.36 34.03
C SER C 70 2.13 -9.86 33.92
N PHE C 71 1.67 -9.28 32.81
CA PHE C 71 1.77 -7.84 32.57
C PHE C 71 1.10 -7.45 31.27
N VAL C 72 0.99 -6.15 31.05
CA VAL C 72 0.38 -5.62 29.84
C VAL C 72 1.37 -4.76 29.09
N VAL C 73 1.44 -4.94 27.78
CA VAL C 73 2.32 -4.12 26.95
C VAL C 73 1.61 -3.81 25.65
N LYS C 74 2.11 -2.79 24.97
CA LYS C 74 1.57 -2.34 23.69
C LYS C 74 1.81 -3.47 22.67
N GLY C 75 1.03 -3.48 21.60
CA GLY C 75 1.20 -4.52 20.60
C GLY C 75 2.60 -4.52 20.01
N ASP C 76 3.10 -3.34 19.68
CA ASP C 76 4.43 -3.20 19.11
C ASP C 76 5.54 -3.49 20.10
N ASP C 77 5.19 -3.69 21.36
CA ASP C 77 6.20 -3.98 22.37
C ASP C 77 6.27 -5.47 22.71
N VAL C 78 5.33 -6.26 22.24
CA VAL C 78 5.36 -7.69 22.56
C VAL C 78 6.68 -8.29 22.09
N ARG C 79 7.18 -7.80 20.97
CA ARG C 79 8.42 -8.30 20.38
C ARG C 79 9.62 -8.16 21.32
N GLN C 80 9.56 -7.19 22.23
CA GLN C 80 10.64 -6.99 23.19
C GLN C 80 10.63 -8.00 24.32
N ILE C 81 9.59 -8.84 24.38
CA ILE C 81 9.50 -9.85 25.42
C ILE C 81 10.09 -11.15 24.92
N ALA C 82 11.40 -11.10 24.65
CA ALA C 82 12.14 -12.25 24.16
C ALA C 82 13.58 -12.02 24.58
N PRO C 83 14.35 -13.09 24.72
CA PRO C 83 15.76 -12.90 25.12
C PRO C 83 16.55 -12.13 24.08
N GLY C 84 17.54 -11.37 24.53
CA GLY C 84 18.37 -10.61 23.62
C GLY C 84 17.73 -9.42 22.93
N GLN C 85 16.74 -8.80 23.56
CA GLN C 85 16.07 -7.66 22.98
C GLN C 85 16.46 -6.38 23.72
N THR C 86 16.27 -5.23 23.08
CA THR C 86 16.58 -3.95 23.69
C THR C 86 15.49 -2.93 23.39
N GLY C 87 15.28 -2.02 24.32
CA GLY C 87 14.26 -0.99 24.15
C GLY C 87 13.75 -0.61 25.52
N VAL C 88 12.95 0.45 25.59
CA VAL C 88 12.41 0.91 26.86
C VAL C 88 11.83 -0.24 27.68
N ILE C 89 11.11 -1.14 27.02
CA ILE C 89 10.49 -2.28 27.67
C ILE C 89 11.49 -3.32 28.18
N ALA C 90 12.30 -3.89 27.28
CA ALA C 90 13.29 -4.90 27.65
C ALA C 90 14.36 -4.38 28.60
N ASP C 91 14.78 -3.13 28.42
CA ASP C 91 15.81 -2.55 29.27
C ASP C 91 15.36 -1.97 30.61
N TYR C 92 14.16 -1.40 30.66
CA TYR C 92 13.71 -0.76 31.89
C TYR C 92 12.46 -1.32 32.56
N ASN C 93 11.86 -2.36 32.00
CA ASN C 93 10.62 -2.86 32.60
C ASN C 93 10.55 -4.35 32.90
N TYR C 94 11.04 -5.16 31.97
CA TYR C 94 11.02 -6.60 32.15
C TYR C 94 11.96 -7.20 31.11
N LYS C 95 12.95 -7.94 31.57
CA LYS C 95 13.91 -8.55 30.68
C LYS C 95 14.03 -10.06 30.91
N LEU C 96 14.30 -10.77 29.82
CA LEU C 96 14.46 -12.21 29.89
C LEU C 96 15.95 -12.51 29.80
N PRO C 97 16.40 -13.59 30.44
CA PRO C 97 17.82 -13.94 30.37
C PRO C 97 18.19 -14.33 28.96
N ASP C 98 19.45 -14.71 28.74
CA ASP C 98 19.89 -15.12 27.41
C ASP C 98 19.72 -16.62 27.26
N ASP C 99 19.82 -17.35 28.37
CA ASP C 99 19.67 -18.80 28.38
C ASP C 99 18.24 -19.13 28.80
N PHE C 100 17.31 -18.25 28.45
CA PHE C 100 15.91 -18.43 28.82
C PHE C 100 15.35 -19.82 28.56
N MET C 101 14.66 -20.34 29.58
CA MET C 101 14.03 -21.65 29.52
C MET C 101 12.55 -21.50 29.85
N GLY C 102 11.75 -21.15 28.85
CA GLY C 102 10.32 -20.99 29.07
C GLY C 102 9.55 -20.58 27.83
N CYS C 103 8.30 -20.18 28.02
CA CYS C 103 7.44 -19.75 26.92
C CYS C 103 6.83 -18.38 27.18
N VAL C 104 6.57 -17.65 26.11
CA VAL C 104 5.97 -16.33 26.21
C VAL C 104 4.64 -16.31 25.46
N LEU C 105 3.53 -16.17 26.19
CA LEU C 105 2.23 -16.12 25.55
C LEU C 105 1.63 -14.74 25.64
N ALA C 106 0.98 -14.32 24.56
CA ALA C 106 0.36 -13.01 24.50
C ALA C 106 -0.93 -13.11 23.71
N TRP C 107 -1.87 -12.21 24.00
CA TRP C 107 -3.15 -12.19 23.29
C TRP C 107 -3.75 -10.80 23.35
N ASN C 108 -4.34 -10.37 22.24
CA ASN C 108 -4.93 -9.04 22.15
C ASN C 108 -6.12 -8.89 23.11
N THR C 109 -6.16 -7.78 23.84
CA THR C 109 -7.24 -7.52 24.78
C THR C 109 -7.80 -6.11 24.63
N ARG C 110 -8.04 -5.71 23.39
CA ARG C 110 -8.57 -4.39 23.09
C ARG C 110 -9.92 -4.16 23.76
N ASN C 111 -10.85 -5.09 23.58
CA ASN C 111 -12.18 -4.95 24.16
C ASN C 111 -12.18 -5.02 25.67
N ILE C 112 -11.02 -5.32 26.26
CA ILE C 112 -10.92 -5.43 27.70
C ILE C 112 -10.18 -4.26 28.33
N ASP C 113 -8.96 -4.02 27.86
CA ASP C 113 -8.13 -2.96 28.39
C ASP C 113 -8.13 -1.66 27.60
N ALA C 114 -8.86 -1.63 26.48
CA ALA C 114 -8.94 -0.42 25.68
C ALA C 114 -10.27 0.28 25.95
N THR C 115 -10.30 1.58 25.69
CA THR C 115 -11.49 2.37 25.93
C THR C 115 -11.74 3.33 24.78
N SER C 116 -13.00 3.63 24.55
CA SER C 116 -13.41 4.55 23.48
C SER C 116 -12.63 5.86 23.56
N THR C 117 -12.66 6.47 24.73
CA THR C 117 -11.98 7.74 24.96
C THR C 117 -10.48 7.57 25.25
N GLY C 118 -10.07 6.34 25.56
CA GLY C 118 -8.67 6.08 25.83
C GLY C 118 -8.35 5.73 27.28
N ASN C 119 -7.61 4.64 27.47
CA ASN C 119 -7.23 4.18 28.81
C ASN C 119 -5.73 4.36 29.00
N TYR C 120 -5.36 5.23 29.92
CA TYR C 120 -3.96 5.50 30.20
C TYR C 120 -3.47 4.93 31.53
N ASN C 121 -4.23 4.02 32.13
CA ASN C 121 -3.84 3.46 33.42
C ASN C 121 -2.58 2.60 33.35
N TYR C 122 -2.35 1.91 32.24
CA TYR C 122 -1.17 1.07 32.13
C TYR C 122 0.03 1.92 31.75
N LYS C 123 1.12 1.74 32.50
CA LYS C 123 2.35 2.50 32.27
C LYS C 123 3.57 1.61 32.08
N TYR C 124 4.69 2.26 31.77
CA TYR C 124 5.99 1.61 31.59
C TYR C 124 7.08 2.61 31.97
N ARG C 125 8.21 2.12 32.47
CA ARG C 125 9.32 2.99 32.87
C ARG C 125 10.16 3.33 31.64
N TYR C 126 10.37 4.63 31.40
CA TYR C 126 11.14 5.04 30.23
C TYR C 126 12.42 5.77 30.59
N LEU C 127 12.67 5.93 31.87
CA LEU C 127 13.88 6.59 32.37
C LEU C 127 14.42 5.81 33.55
N ARG C 128 15.71 5.48 33.51
CA ARG C 128 16.32 4.74 34.60
C ARG C 128 17.83 4.78 34.49
N HIS C 129 18.49 4.84 35.63
CA HIS C 129 19.94 4.86 35.66
C HIS C 129 20.44 3.42 35.60
N GLY C 130 20.79 2.99 34.39
CA GLY C 130 21.25 1.63 34.18
C GLY C 130 20.04 0.75 33.90
N LYS C 131 20.22 -0.32 33.15
CA LYS C 131 19.09 -1.20 32.86
C LYS C 131 18.96 -2.36 33.83
N LEU C 132 17.91 -3.15 33.63
CA LEU C 132 17.62 -4.29 34.48
C LEU C 132 18.39 -5.55 34.09
N ARG C 133 18.52 -6.44 35.06
CA ARG C 133 19.16 -7.72 34.85
C ARG C 133 17.96 -8.65 34.67
N PRO C 134 18.15 -9.78 33.97
CA PRO C 134 17.03 -10.70 33.78
C PRO C 134 16.20 -10.93 35.05
N PHE C 135 14.89 -10.82 34.91
CA PHE C 135 13.96 -11.02 36.02
C PHE C 135 14.07 -10.04 37.17
N GLU C 136 14.58 -8.85 36.89
CA GLU C 136 14.69 -7.82 37.91
C GLU C 136 13.48 -6.89 37.75
N ARG C 137 12.89 -6.49 38.86
CA ARG C 137 11.72 -5.61 38.85
C ARG C 137 12.04 -4.28 39.54
N ASP C 138 11.44 -3.20 39.05
CA ASP C 138 11.66 -1.87 39.63
C ASP C 138 10.35 -1.08 39.65
N ILE C 139 9.87 -0.78 40.86
CA ILE C 139 8.65 -0.02 41.04
C ILE C 139 8.94 1.22 41.87
N SER C 140 10.16 1.72 41.76
CA SER C 140 10.63 2.90 42.50
C SER C 140 9.69 4.10 42.45
N ASN C 141 9.61 4.73 41.29
CA ASN C 141 8.76 5.89 41.12
C ASN C 141 9.35 7.09 41.86
N VAL C 142 10.58 7.45 41.50
CA VAL C 142 11.26 8.58 42.11
C VAL C 142 11.66 9.57 41.03
N PRO C 143 11.23 10.84 41.18
CA PRO C 143 11.56 11.88 40.19
C PRO C 143 12.97 11.73 39.62
N PHE C 144 13.03 11.44 38.32
CA PHE C 144 14.27 11.23 37.61
C PHE C 144 15.04 12.50 37.27
N SER C 145 16.36 12.36 37.23
CA SER C 145 17.26 13.46 36.90
C SER C 145 18.44 12.88 36.12
N PRO C 146 18.90 13.59 35.08
CA PRO C 146 20.03 13.07 34.30
C PRO C 146 21.26 12.77 35.15
N ASP C 147 21.56 13.67 36.09
CA ASP C 147 22.72 13.50 36.96
C ASP C 147 22.41 12.90 38.32
N GLY C 148 21.53 11.90 38.33
CA GLY C 148 21.14 11.24 39.57
C GLY C 148 20.89 12.16 40.74
N LYS C 149 20.61 13.43 40.45
CA LYS C 149 20.36 14.42 41.49
C LYS C 149 18.89 14.47 41.91
N PRO C 150 18.61 14.11 43.18
CA PRO C 150 17.24 14.12 43.71
C PRO C 150 16.58 15.48 43.47
N CYS C 151 15.44 15.47 42.79
CA CYS C 151 14.73 16.70 42.48
C CYS C 151 13.23 16.57 42.70
N THR C 152 12.50 17.64 42.41
CA THR C 152 11.05 17.65 42.57
C THR C 152 10.41 18.63 41.59
N PRO C 153 9.70 18.11 40.57
CA PRO C 153 9.05 19.01 39.61
C PRO C 153 8.12 20.00 40.33
N PRO C 154 7.79 21.12 39.68
CA PRO C 154 8.18 21.57 38.34
C PRO C 154 9.66 21.87 38.10
N ALA C 155 10.54 21.38 38.96
CA ALA C 155 11.99 21.62 38.82
C ALA C 155 12.46 21.31 37.40
N LEU C 156 13.52 21.98 36.98
CA LEU C 156 14.09 21.80 35.64
C LEU C 156 14.89 20.50 35.53
N ASN C 157 14.83 19.87 34.36
CA ASN C 157 15.52 18.60 34.11
C ASN C 157 15.13 17.54 35.13
N CYS C 158 13.86 17.55 35.49
CA CYS C 158 13.31 16.62 36.46
C CYS C 158 12.01 16.05 35.89
N TYR C 159 12.04 14.78 35.48
CA TYR C 159 10.86 14.14 34.91
C TYR C 159 10.47 12.87 35.65
N TRP C 160 9.16 12.58 35.68
CA TRP C 160 8.70 11.36 36.32
C TRP C 160 9.15 10.22 35.41
N PRO C 161 9.67 9.12 36.00
CA PRO C 161 10.16 7.95 35.28
C PRO C 161 9.16 7.11 34.49
N LEU C 162 7.90 7.15 34.91
CA LEU C 162 6.87 6.36 34.25
C LEU C 162 6.06 7.13 33.22
N ASN C 163 5.87 6.53 32.04
CA ASN C 163 5.10 7.15 30.96
C ASN C 163 3.83 6.33 30.75
N ASP C 164 2.72 6.98 30.35
CA ASP C 164 1.46 6.25 30.15
C ASP C 164 1.22 5.67 28.76
N TYR C 165 0.65 4.47 28.72
CA TYR C 165 0.28 3.83 27.46
C TYR C 165 -1.08 4.45 27.12
N GLY C 166 -1.35 4.64 25.85
CA GLY C 166 -2.65 5.20 25.45
C GLY C 166 -3.43 4.12 24.72
N PHE C 167 -4.34 3.46 25.42
CA PHE C 167 -5.11 2.38 24.82
C PHE C 167 -6.52 2.75 24.37
N TYR C 168 -6.72 2.79 23.06
CA TYR C 168 -8.03 3.11 22.49
C TYR C 168 -8.59 1.90 21.75
N THR C 169 -9.90 1.89 21.55
CA THR C 169 -10.54 0.80 20.84
C THR C 169 -10.60 1.11 19.35
N THR C 170 -9.91 2.17 18.91
CA THR C 170 -9.97 2.56 17.51
C THR C 170 -8.64 2.74 16.81
N THR C 171 -7.54 2.44 17.49
CA THR C 171 -6.22 2.59 16.89
C THR C 171 -5.76 1.30 16.23
N GLY C 172 -4.62 1.38 15.54
CA GLY C 172 -4.05 0.21 14.90
C GLY C 172 -3.77 -0.86 15.93
N ILE C 173 -3.68 -2.10 15.48
CA ILE C 173 -3.44 -3.22 16.38
C ILE C 173 -2.14 -3.06 17.19
N GLY C 174 -1.14 -2.44 16.58
CA GLY C 174 0.14 -2.24 17.26
C GLY C 174 0.06 -1.29 18.44
N TYR C 175 -0.97 -0.45 18.48
CA TYR C 175 -1.10 0.48 19.59
C TYR C 175 -2.15 -0.04 20.55
N GLN C 176 -2.57 -1.28 20.33
CA GLN C 176 -3.58 -1.91 21.15
C GLN C 176 -2.96 -2.65 22.33
N PRO C 177 -3.73 -2.87 23.41
CA PRO C 177 -3.25 -3.57 24.61
C PRO C 177 -3.12 -5.09 24.46
N TYR C 178 -2.05 -5.63 25.01
CA TYR C 178 -1.79 -7.07 24.98
C TYR C 178 -1.44 -7.62 26.36
N ARG C 179 -2.14 -8.67 26.77
CA ARG C 179 -1.84 -9.30 28.03
C ARG C 179 -0.81 -10.38 27.74
N VAL C 180 0.25 -10.38 28.55
CA VAL C 180 1.35 -11.32 28.37
C VAL C 180 1.57 -12.17 29.62
N VAL C 181 1.89 -13.44 29.39
CA VAL C 181 2.16 -14.38 30.47
C VAL C 181 3.43 -15.13 30.10
N VAL C 182 4.49 -14.89 30.88
CA VAL C 182 5.78 -15.53 30.66
C VAL C 182 5.98 -16.75 31.56
N LEU C 183 5.93 -17.94 30.96
CA LEU C 183 6.14 -19.16 31.71
C LEU C 183 7.62 -19.49 31.77
N SER C 184 8.14 -19.56 32.99
CA SER C 184 9.54 -19.86 33.21
C SER C 184 9.64 -21.22 33.90
N PHE C 185 10.30 -22.17 33.26
CA PHE C 185 10.45 -23.51 33.82
C PHE C 185 11.74 -23.66 34.62
N GLU C 186 11.58 -24.01 35.89
CA GLU C 186 12.70 -24.17 36.79
C GLU C 186 13.10 -25.64 36.92
N LEU C 187 14.39 -25.89 36.84
CA LEU C 187 14.92 -27.24 36.97
C LEU C 187 15.97 -27.26 38.07
N LEU C 188 15.53 -27.52 39.29
CA LEU C 188 16.42 -27.56 40.44
C LEU C 188 16.56 -29.04 40.81
N ASN C 189 17.61 -29.37 41.57
CA ASN C 189 17.84 -30.76 41.95
C ASN C 189 16.62 -31.45 42.54
N ALA C 190 15.95 -30.79 43.48
CA ALA C 190 14.76 -31.36 44.11
C ALA C 190 13.82 -31.89 43.02
N PRO C 191 13.39 -33.16 43.13
CA PRO C 191 12.49 -33.77 42.14
C PRO C 191 11.36 -32.86 41.68
N ALA C 192 10.73 -33.24 40.58
CA ALA C 192 9.62 -32.48 40.01
C ALA C 192 8.37 -32.54 40.87
N THR C 193 7.51 -31.55 40.69
CA THR C 193 6.25 -31.47 41.41
C THR C 193 5.22 -30.88 40.47
N VAL C 194 5.63 -30.65 39.23
CA VAL C 194 4.77 -30.09 38.19
C VAL C 194 5.01 -30.77 36.86
N CYS C 195 4.32 -31.89 36.63
CA CYS C 195 4.47 -32.63 35.38
C CYS C 195 3.14 -32.70 34.64
N GLY C 196 3.13 -33.37 33.49
CA GLY C 196 1.92 -33.51 32.70
C GLY C 196 0.96 -34.60 33.16
#